data_6BQD
#
_entry.id   6BQD
#
_cell.length_a   128.553
_cell.length_b   42.510
_cell.length_c   63.372
_cell.angle_alpha   90.000
_cell.angle_beta   103.390
_cell.angle_gamma   90.000
#
_symmetry.space_group_name_H-M   'C 1 2 1'
#
loop_
_entity.id
_entity.type
_entity.pdbx_description
1 polymer 'Transcription initiation factor TFIID subunit 1'
2 non-polymer 3-{6-[(2E)-but-2-en-1-yl]-7-oxo-6,7-dihydro-1H-pyrrolo[2,3-c]pyridin-4-yl}-N,N-dimethylbenzamide
3 water water
#
_entity_poly.entity_id   1
_entity_poly.type   'polypeptide(L)'
_entity_poly.pdbx_seq_one_letter_code
;DDDQVAFSFILDNIVTQKMMAVPDSWPFHHPVNKKFVPDYYKVIVNPMDLETIRKNISKHKYQSRESFLDDVNLILANSV
KYNGPESQYTKTAQEIVNVCYQTLTEYDEHLTQLEKDICTAKEAALEEAE
;
_entity_poly.pdbx_strand_id   A,B
#
# COMPACT_ATOMS: atom_id res chain seq x y z
N ASP A 1 -19.10 5.88 26.02
CA ASP A 1 -18.89 5.74 24.56
C ASP A 1 -17.67 6.58 24.05
N ASP A 2 -16.90 7.15 24.96
CA ASP A 2 -16.03 8.22 24.49
C ASP A 2 -14.67 7.75 23.96
N ASP A 3 -14.12 6.62 24.42
CA ASP A 3 -12.95 6.08 23.72
C ASP A 3 -13.29 5.73 22.27
N GLN A 4 -14.50 5.24 22.03
CA GLN A 4 -14.97 5.01 20.66
C GLN A 4 -15.06 6.32 19.87
N VAL A 5 -15.55 7.39 20.51
CA VAL A 5 -15.64 8.68 19.82
C VAL A 5 -14.25 9.18 19.42
N ALA A 6 -13.29 9.14 20.36
CA ALA A 6 -11.91 9.55 20.05
C ALA A 6 -11.32 8.70 18.95
N PHE A 7 -11.54 7.38 19.02
CA PHE A 7 -11.04 6.46 18.01
C PHE A 7 -11.57 6.81 16.62
N SER A 8 -12.90 6.98 16.50
CA SER A 8 -13.51 7.35 15.21
C SER A 8 -12.95 8.68 14.70
N PHE A 9 -12.77 9.63 15.61
CA PHE A 9 -12.19 10.92 15.28
C PHE A 9 -10.86 10.75 14.56
N ILE A 10 -9.99 9.88 15.09
CA ILE A 10 -8.67 9.70 14.53
C ILE A 10 -8.77 9.08 13.14
N LEU A 11 -9.51 7.97 13.03
CA LEU A 11 -9.75 7.35 11.74
C LEU A 11 -10.23 8.37 10.73
N ASP A 12 -11.20 9.21 11.13
CA ASP A 12 -11.73 10.18 10.19
C ASP A 12 -10.64 11.16 9.76
N ASN A 13 -9.76 11.54 10.69
CA ASN A 13 -8.69 12.46 10.34
C ASN A 13 -7.69 11.82 9.37
N ILE A 14 -7.41 10.53 9.54
CA ILE A 14 -6.60 9.79 8.56
C ILE A 14 -7.25 9.88 7.18
N VAL A 15 -8.56 9.65 7.09
CA VAL A 15 -9.23 9.60 5.79
C VAL A 15 -9.18 10.97 5.11
N THR A 16 -9.51 12.05 5.85
CA THR A 16 -9.55 13.39 5.26
C THR A 16 -8.15 13.94 5.03
N GLN A 17 -7.24 13.84 6.01
CA GLN A 17 -5.94 14.50 5.89
C GLN A 17 -4.90 13.70 5.11
N LYS A 18 -4.99 12.37 5.02
CA LYS A 18 -4.00 11.56 4.34
C LYS A 18 -4.53 10.96 3.06
N MET A 19 -5.62 10.21 3.17
CA MET A 19 -6.10 9.41 2.07
C MET A 19 -6.74 10.28 1.00
N MET A 20 -7.57 11.25 1.40
CA MET A 20 -8.19 12.11 0.39
C MET A 20 -7.19 13.11 -0.19
N ALA A 21 -6.06 13.32 0.49
CA ALA A 21 -5.10 14.27 0.00
C ALA A 21 -4.17 13.66 -1.05
N VAL A 22 -4.31 12.37 -1.33
CA VAL A 22 -3.46 11.73 -2.35
C VAL A 22 -3.77 12.37 -3.70
N PRO A 23 -2.77 12.73 -4.51
CA PRO A 23 -3.06 13.39 -5.78
C PRO A 23 -3.92 12.53 -6.69
N ASP A 24 -4.91 13.16 -7.34
CA ASP A 24 -5.80 12.44 -8.27
C ASP A 24 -6.57 11.34 -7.57
N SER A 25 -6.82 11.47 -6.27
CA SER A 25 -7.64 10.44 -5.64
C SER A 25 -9.14 10.67 -5.86
N TRP A 26 -9.56 11.77 -6.55
CA TRP A 26 -10.98 12.12 -6.64
C TRP A 26 -11.86 10.94 -7.09
N PRO A 27 -11.40 10.01 -7.94
CA PRO A 27 -12.28 8.90 -8.34
C PRO A 27 -12.71 8.01 -7.19
N PHE A 28 -12.04 8.06 -6.03
CA PHE A 28 -12.31 7.19 -4.89
C PHE A 28 -13.01 7.92 -3.76
N HIS A 29 -13.35 9.21 -3.95
CA HIS A 29 -13.97 9.97 -2.88
C HIS A 29 -15.41 9.56 -2.63
N HIS A 30 -16.13 9.15 -3.68
CA HIS A 30 -17.57 8.96 -3.63
C HIS A 30 -17.94 7.68 -4.36
N PRO A 31 -19.10 7.08 -4.04
CA PRO A 31 -19.57 5.91 -4.80
C PRO A 31 -19.61 6.20 -6.29
N VAL A 32 -19.41 5.16 -7.09
CA VAL A 32 -19.46 5.34 -8.52
C VAL A 32 -20.89 5.69 -8.93
N ASN A 33 -21.02 6.61 -9.85
CA ASN A 33 -22.30 6.86 -10.51
C ASN A 33 -22.32 6.03 -11.80
N LYS A 34 -23.28 5.12 -11.89
CA LYS A 34 -23.36 4.25 -13.05
C LYS A 34 -23.45 5.03 -14.37
N LYS A 35 -24.01 6.25 -14.36
CA LYS A 35 -23.97 7.10 -15.55
C LYS A 35 -22.55 7.23 -16.09
N PHE A 36 -21.57 7.39 -15.21
CA PHE A 36 -20.22 7.71 -15.62
C PHE A 36 -19.40 6.45 -15.89
N VAL A 37 -19.72 5.34 -15.24
CA VAL A 37 -19.02 4.07 -15.39
C VAL A 37 -20.07 2.97 -15.54
N PRO A 38 -20.59 2.74 -16.75
CA PRO A 38 -21.84 1.98 -16.88
C PRO A 38 -21.79 0.56 -16.37
N ASP A 39 -20.63 -0.09 -16.41
CA ASP A 39 -20.48 -1.49 -16.03
C ASP A 39 -20.02 -1.69 -14.59
N TYR A 40 -19.78 -0.60 -13.83
CA TYR A 40 -19.06 -0.77 -12.56
C TYR A 40 -19.74 -1.79 -11.66
N TYR A 41 -21.06 -1.61 -11.41
CA TYR A 41 -21.78 -2.45 -10.47
C TYR A 41 -22.10 -3.84 -11.01
N LYS A 42 -21.85 -4.11 -12.30
CA LYS A 42 -21.95 -5.49 -12.78
C LYS A 42 -20.69 -6.27 -12.48
N VAL A 43 -19.55 -5.59 -12.43
CA VAL A 43 -18.27 -6.23 -12.14
C VAL A 43 -17.98 -6.24 -10.66
N ILE A 44 -18.28 -5.13 -9.98
CA ILE A 44 -17.81 -4.92 -8.62
C ILE A 44 -18.96 -5.27 -7.67
N VAL A 45 -18.79 -6.36 -6.93
CA VAL A 45 -19.85 -6.92 -6.11
C VAL A 45 -19.98 -6.21 -4.77
N ASN A 46 -18.86 -5.76 -4.16
CA ASN A 46 -18.86 -5.07 -2.87
C ASN A 46 -18.19 -3.72 -3.03
N PRO A 47 -18.90 -2.75 -3.60
CA PRO A 47 -18.32 -1.43 -3.83
C PRO A 47 -17.88 -0.79 -2.52
N MET A 48 -16.90 0.12 -2.61
CA MET A 48 -16.40 0.84 -1.45
C MET A 48 -15.75 2.14 -1.92
N ASP A 49 -15.87 3.17 -1.08
CA ASP A 49 -15.31 4.48 -1.41
C ASP A 49 -15.06 5.24 -0.11
N LEU A 50 -14.32 6.35 -0.21
CA LEU A 50 -13.87 7.05 1.00
C LEU A 50 -15.05 7.72 1.73
N GLU A 51 -16.04 8.18 0.98
CA GLU A 51 -17.23 8.75 1.58
C GLU A 51 -18.01 7.72 2.40
N THR A 52 -18.11 6.50 1.90
CA THR A 52 -18.72 5.42 2.67
C THR A 52 -17.92 5.09 3.92
N ILE A 53 -16.59 5.01 3.81
CA ILE A 53 -15.77 4.84 5.01
C ILE A 53 -16.02 5.98 6.01
N ARG A 54 -16.07 7.22 5.53
CA ARG A 54 -16.35 8.32 6.45
C ARG A 54 -17.73 8.20 7.11
N LYS A 55 -18.74 7.78 6.35
CA LYS A 55 -20.07 7.60 6.93
C LYS A 55 -20.06 6.46 7.93
N ASN A 56 -19.30 5.39 7.64
CA ASN A 56 -19.19 4.29 8.59
C ASN A 56 -18.53 4.74 9.90
N ILE A 57 -17.45 5.55 9.80
CA ILE A 57 -16.74 6.08 10.96
C ILE A 57 -17.67 6.91 11.83
N SER A 58 -18.49 7.77 11.20
CA SER A 58 -19.38 8.63 11.97
C SER A 58 -20.50 7.83 12.65
N LYS A 59 -20.79 6.61 12.18
CA LYS A 59 -21.71 5.71 12.85
C LYS A 59 -20.97 4.74 13.77
N HIS A 60 -19.66 4.89 13.91
CA HIS A 60 -18.87 4.07 14.82
C HIS A 60 -18.91 2.61 14.42
N LYS A 61 -18.90 2.38 13.11
CA LYS A 61 -18.84 1.00 12.64
C LYS A 61 -17.54 0.32 13.05
N TYR A 62 -16.44 1.07 13.16
CA TYR A 62 -15.13 0.44 13.31
C TYR A 62 -14.68 0.56 14.74
N GLN A 63 -14.52 -0.59 15.40
CA GLN A 63 -14.03 -0.71 16.75
C GLN A 63 -12.54 -1.00 16.83
N SER A 64 -11.91 -1.32 15.71
CA SER A 64 -10.50 -1.73 15.69
C SER A 64 -9.96 -1.37 14.31
N ARG A 65 -8.64 -1.39 14.17
CA ARG A 65 -8.00 -1.13 12.89
C ARG A 65 -8.38 -2.17 11.84
N GLU A 66 -8.57 -3.42 12.27
CA GLU A 66 -8.79 -4.51 11.33
C GLU A 66 -10.04 -4.26 10.48
N SER A 67 -11.17 -3.90 11.11
CA SER A 67 -12.36 -3.70 10.29
C SER A 67 -12.24 -2.41 9.50
N PHE A 68 -11.54 -1.41 10.01
CA PHE A 68 -11.25 -0.25 9.19
C PHE A 68 -10.40 -0.65 7.97
N LEU A 69 -9.33 -1.40 8.20
CA LEU A 69 -8.47 -1.76 7.07
C LEU A 69 -9.17 -2.67 6.08
N ASP A 70 -10.11 -3.51 6.53
CA ASP A 70 -10.86 -4.35 5.58
C ASP A 70 -11.55 -3.51 4.52
N ASP A 71 -12.23 -2.43 4.93
CA ASP A 71 -12.87 -1.55 3.94
C ASP A 71 -11.81 -0.80 3.10
N VAL A 72 -10.72 -0.36 3.73
CA VAL A 72 -9.69 0.34 2.98
C VAL A 72 -9.10 -0.58 1.89
N ASN A 73 -8.72 -1.79 2.28
CA ASN A 73 -8.16 -2.75 1.33
C ASN A 73 -9.15 -3.12 0.23
N LEU A 74 -10.45 -3.05 0.52
CA LEU A 74 -11.45 -3.35 -0.49
C LEU A 74 -11.40 -2.36 -1.63
N ILE A 75 -11.10 -1.09 -1.33
CA ILE A 75 -10.99 -0.12 -2.42
C ILE A 75 -9.91 -0.56 -3.40
N LEU A 76 -8.75 -1.00 -2.89
CA LEU A 76 -7.67 -1.41 -3.79
C LEU A 76 -8.03 -2.69 -4.53
N ALA A 77 -8.69 -3.62 -3.84
CA ALA A 77 -9.07 -4.88 -4.47
C ALA A 77 -10.09 -4.68 -5.58
N ASN A 78 -11.07 -3.79 -5.39
CA ASN A 78 -12.00 -3.49 -6.47
C ASN A 78 -11.28 -2.83 -7.65
N SER A 79 -10.28 -2.00 -7.38
CA SER A 79 -9.58 -1.34 -8.47
C SER A 79 -8.72 -2.31 -9.28
N VAL A 80 -7.99 -3.22 -8.62
CA VAL A 80 -7.31 -4.28 -9.38
C VAL A 80 -8.31 -5.05 -10.24
N LYS A 81 -9.43 -5.45 -9.65
CA LYS A 81 -10.43 -6.20 -10.40
C LYS A 81 -10.96 -5.40 -11.59
N TYR A 82 -11.37 -4.15 -11.38
CA TYR A 82 -12.05 -3.43 -12.46
C TYR A 82 -11.07 -2.84 -13.47
N ASN A 83 -9.92 -2.34 -13.02
CA ASN A 83 -9.02 -1.59 -13.89
C ASN A 83 -7.73 -2.30 -14.23
N GLY A 84 -7.33 -3.31 -13.43
CA GLY A 84 -6.13 -4.05 -13.71
C GLY A 84 -4.99 -3.64 -12.76
N PRO A 85 -3.96 -4.50 -12.65
CA PRO A 85 -2.92 -4.25 -11.62
C PRO A 85 -2.01 -3.06 -11.91
N GLU A 86 -1.93 -2.55 -13.14
CA GLU A 86 -1.01 -1.48 -13.49
C GLU A 86 -1.70 -0.20 -13.93
N SER A 87 -3.02 -0.20 -13.95
CA SER A 87 -3.78 1.00 -14.21
C SER A 87 -3.38 2.13 -13.26
N GLN A 88 -3.51 3.37 -13.77
CA GLN A 88 -3.29 4.55 -12.92
C GLN A 88 -4.28 4.63 -11.76
N TYR A 89 -5.51 4.12 -11.92
CA TYR A 89 -6.45 4.09 -10.78
C TYR A 89 -5.91 3.21 -9.67
N THR A 90 -5.29 2.07 -10.04
CA THR A 90 -4.80 1.13 -9.05
C THR A 90 -3.57 1.69 -8.35
N LYS A 91 -2.69 2.38 -9.08
CA LYS A 91 -1.56 3.00 -8.40
C LYS A 91 -2.03 4.03 -7.40
N THR A 92 -3.07 4.80 -7.75
CA THR A 92 -3.60 5.78 -6.81
C THR A 92 -4.24 5.09 -5.60
N ALA A 93 -5.02 4.04 -5.84
CA ALA A 93 -5.57 3.31 -4.70
C ALA A 93 -4.47 2.67 -3.86
N GLN A 94 -3.36 2.25 -4.49
CA GLN A 94 -2.26 1.70 -3.68
C GLN A 94 -1.61 2.76 -2.80
N GLU A 95 -1.46 3.98 -3.31
CA GLU A 95 -0.99 5.07 -2.46
C GLU A 95 -2.00 5.35 -1.33
N ILE A 96 -3.30 5.35 -1.64
CA ILE A 96 -4.31 5.53 -0.59
C ILE A 96 -4.14 4.45 0.50
N VAL A 97 -4.09 3.18 0.08
CA VAL A 97 -3.89 2.10 1.03
C VAL A 97 -2.53 2.26 1.74
N ASN A 98 -1.46 2.56 0.99
CA ASN A 98 -0.15 2.55 1.64
C ASN A 98 -0.06 3.69 2.66
N VAL A 99 -0.56 4.88 2.32
CA VAL A 99 -0.41 5.96 3.29
C VAL A 99 -1.32 5.72 4.51
N CYS A 100 -2.42 4.97 4.34
CA CYS A 100 -3.27 4.61 5.47
C CYS A 100 -2.52 3.70 6.46
N TYR A 101 -1.95 2.58 5.96
CA TYR A 101 -1.13 1.71 6.81
C TYR A 101 -0.03 2.50 7.52
N GLN A 102 0.70 3.35 6.78
CA GLN A 102 1.81 4.09 7.36
C GLN A 102 1.35 4.96 8.55
N THR A 103 0.24 5.70 8.37
CA THR A 103 -0.28 6.57 9.42
C THR A 103 -0.74 5.77 10.64
N LEU A 104 -1.49 4.68 10.40
CA LEU A 104 -1.84 3.80 11.51
C LEU A 104 -0.60 3.35 12.25
N THR A 105 0.47 3.04 11.50
CA THR A 105 1.73 2.63 12.10
C THR A 105 2.32 3.72 12.99
N GLU A 106 2.33 4.97 12.51
CA GLU A 106 2.85 6.08 13.29
C GLU A 106 2.00 6.37 14.54
N TYR A 107 0.72 6.04 14.50
CA TYR A 107 -0.16 6.15 15.64
C TYR A 107 -0.31 4.85 16.41
N ASP A 108 0.60 3.88 16.21
CA ASP A 108 0.33 2.52 16.70
C ASP A 108 0.14 2.48 18.22
N GLU A 109 0.92 3.24 18.97
CA GLU A 109 0.86 3.09 20.44
C GLU A 109 -0.47 3.59 20.98
N HIS A 110 -0.89 4.80 20.62
CA HIS A 110 -2.16 5.32 21.11
C HIS A 110 -3.34 4.48 20.60
N LEU A 111 -3.23 3.95 19.37
CA LEU A 111 -4.34 3.21 18.78
C LEU A 111 -4.52 1.84 19.42
N THR A 112 -3.41 1.18 19.77
CA THR A 112 -3.54 -0.06 20.54
C THR A 112 -4.20 0.21 21.88
N GLN A 113 -3.81 1.32 22.51
CA GLN A 113 -4.40 1.74 23.79
C GLN A 113 -5.90 1.88 23.67
N LEU A 114 -6.35 2.68 22.70
CA LEU A 114 -7.79 2.91 22.46
C LEU A 114 -8.52 1.60 22.18
N GLU A 115 -7.98 0.78 21.27
CA GLU A 115 -8.60 -0.50 20.94
C GLU A 115 -8.83 -1.34 22.19
N LYS A 116 -7.77 -1.55 22.98
CA LYS A 116 -7.93 -2.29 24.22
C LYS A 116 -9.02 -1.69 25.11
N ASP A 117 -9.10 -0.35 25.17
CA ASP A 117 -10.03 0.26 26.11
C ASP A 117 -11.47 0.30 25.57
N ILE A 118 -11.64 0.29 24.24
CA ILE A 118 -12.98 0.08 23.70
C ILE A 118 -13.51 -1.30 24.08
N CYS A 119 -12.63 -2.32 24.04
CA CYS A 119 -13.03 -3.67 24.44
C CYS A 119 -13.44 -3.69 25.91
N THR A 120 -12.57 -3.19 26.78
CA THR A 120 -12.84 -3.24 28.22
C THR A 120 -14.16 -2.54 28.55
N ALA A 121 -14.49 -1.46 27.84
CA ALA A 121 -15.82 -0.88 27.97
C ALA A 121 -16.91 -1.82 27.45
N LYS A 122 -16.67 -2.52 26.32
CA LYS A 122 -17.65 -3.50 25.84
C LYS A 122 -17.95 -4.56 26.90
N GLU A 123 -16.92 -5.01 27.63
CA GLU A 123 -17.13 -6.03 28.65
C GLU A 123 -17.88 -5.48 29.85
N ALA A 124 -17.49 -4.31 30.35
CA ALA A 124 -18.26 -3.67 31.41
C ALA A 124 -19.74 -3.56 31.03
N ALA A 125 -20.02 -3.32 29.74
CA ALA A 125 -21.41 -3.27 29.28
C ALA A 125 -22.09 -4.63 29.42
N LEU A 126 -21.34 -5.71 29.18
CA LEU A 126 -21.91 -7.06 29.32
C LEU A 126 -22.13 -7.43 30.78
N GLU A 127 -21.17 -7.08 31.66
CA GLU A 127 -21.27 -7.29 33.10
C GLU A 127 -22.37 -6.43 33.76
N GLU A 128 -23.07 -5.65 32.94
CA GLU A 128 -24.39 -5.11 33.26
C GLU A 128 -25.47 -6.08 32.80
N ALA A 129 -25.39 -6.50 31.53
CA ALA A 129 -26.28 -7.49 30.94
C ALA A 129 -26.02 -8.90 31.49
N ASP B 2 27.42 7.75 -8.71
CA ASP B 2 28.29 7.89 -7.54
C ASP B 2 27.49 7.91 -6.22
N ASP B 3 26.77 9.00 -5.95
CA ASP B 3 25.69 8.84 -5.00
C ASP B 3 24.58 7.93 -5.56
N GLN B 4 24.59 7.67 -6.88
CA GLN B 4 23.68 6.69 -7.46
C GLN B 4 23.98 5.28 -6.95
N VAL B 5 25.27 4.94 -6.89
CA VAL B 5 25.69 3.63 -6.39
C VAL B 5 25.34 3.48 -4.90
N ALA B 6 25.61 4.52 -4.10
CA ALA B 6 25.21 4.49 -2.69
C ALA B 6 23.70 4.36 -2.55
N PHE B 7 22.94 5.03 -3.42
CA PHE B 7 21.49 4.94 -3.36
C PHE B 7 21.01 3.53 -3.69
N SER B 8 21.56 2.94 -4.76
CA SER B 8 21.21 1.57 -5.11
C SER B 8 21.50 0.60 -3.99
N PHE B 9 22.63 0.76 -3.29
CA PHE B 9 22.94 -0.20 -2.24
C PHE B 9 21.99 -0.08 -1.06
N ILE B 10 21.54 1.14 -0.74
CA ILE B 10 20.56 1.25 0.33
C ILE B 10 19.25 0.57 -0.07
N LEU B 11 18.84 0.69 -1.33
CA LEU B 11 17.59 0.02 -1.73
C LEU B 11 17.72 -1.48 -1.62
N ASP B 12 18.83 -2.04 -2.14
CA ASP B 12 19.06 -3.49 -2.08
C ASP B 12 19.08 -3.99 -0.65
N ASN B 13 19.58 -3.17 0.29
CA ASN B 13 19.53 -3.52 1.70
C ASN B 13 18.09 -3.51 2.24
N ILE B 14 17.23 -2.62 1.75
CA ILE B 14 15.82 -2.70 2.13
C ILE B 14 15.21 -4.02 1.66
N VAL B 15 15.47 -4.40 0.41
CA VAL B 15 15.00 -5.69 -0.11
C VAL B 15 15.53 -6.86 0.73
N THR B 16 16.86 -6.93 0.94
CA THR B 16 17.40 -8.13 1.60
C THR B 16 17.19 -8.10 3.11
N GLN B 17 17.44 -6.95 3.74
CA GLN B 17 17.31 -6.85 5.19
C GLN B 17 15.85 -6.82 5.64
N LYS B 18 14.99 -6.06 4.97
CA LYS B 18 13.65 -5.80 5.50
C LYS B 18 12.58 -6.61 4.78
N MET B 19 12.52 -6.54 3.46
CA MET B 19 11.39 -7.13 2.77
C MET B 19 11.50 -8.65 2.72
N MET B 20 12.69 -9.18 2.53
CA MET B 20 12.82 -10.63 2.52
C MET B 20 12.79 -11.24 3.91
N ALA B 21 12.86 -10.43 4.96
CA ALA B 21 12.62 -10.93 6.31
C ALA B 21 11.13 -11.11 6.63
N VAL B 22 10.23 -10.52 5.86
CA VAL B 22 8.81 -10.67 6.18
C VAL B 22 8.49 -12.15 6.35
N PRO B 23 7.82 -12.56 7.42
CA PRO B 23 7.51 -13.99 7.60
C PRO B 23 6.70 -14.54 6.44
N ASP B 24 7.04 -15.77 6.02
CA ASP B 24 6.33 -16.42 4.92
C ASP B 24 6.49 -15.66 3.59
N SER B 25 7.62 -14.99 3.38
CA SER B 25 7.76 -14.20 2.15
C SER B 25 8.32 -15.02 0.98
N TRP B 26 8.70 -16.28 1.20
CA TRP B 26 9.33 -17.10 0.15
C TRP B 26 8.63 -17.04 -1.21
N PRO B 27 7.29 -16.96 -1.32
CA PRO B 27 6.68 -16.95 -2.66
C PRO B 27 7.18 -15.81 -3.52
N PHE B 28 7.66 -14.75 -2.90
CA PHE B 28 8.00 -13.51 -3.56
C PHE B 28 9.48 -13.31 -3.75
N HIS B 29 10.30 -14.27 -3.33
CA HIS B 29 11.75 -14.07 -3.41
C HIS B 29 12.27 -14.25 -4.83
N HIS B 30 11.60 -15.06 -5.65
CA HIS B 30 12.08 -15.41 -6.98
C HIS B 30 10.95 -15.39 -7.99
N PRO B 31 11.26 -15.29 -9.28
CA PRO B 31 10.22 -15.43 -10.30
C PRO B 31 9.49 -16.76 -10.12
N VAL B 32 8.24 -16.78 -10.54
CA VAL B 32 7.44 -17.99 -10.41
C VAL B 32 7.96 -19.02 -11.38
N ASN B 33 8.08 -20.26 -10.92
CA ASN B 33 8.47 -21.38 -11.77
C ASN B 33 7.22 -22.04 -12.36
N LYS B 34 7.15 -22.12 -13.69
CA LYS B 34 6.02 -22.74 -14.39
C LYS B 34 5.72 -24.16 -13.91
N LYS B 35 6.75 -24.93 -13.53
CA LYS B 35 6.55 -26.28 -13.01
C LYS B 35 5.51 -26.31 -11.89
N PHE B 36 5.53 -25.29 -11.04
CA PHE B 36 4.67 -25.21 -9.87
C PHE B 36 3.37 -24.45 -10.12
N VAL B 37 3.39 -23.45 -11.00
CA VAL B 37 2.21 -22.63 -11.25
C VAL B 37 2.11 -22.49 -12.77
N PRO B 38 1.62 -23.51 -13.47
CA PRO B 38 1.73 -23.52 -14.93
C PRO B 38 1.14 -22.31 -15.65
N ASP B 39 0.07 -21.70 -15.15
CA ASP B 39 -0.60 -20.64 -15.89
C ASP B 39 -0.26 -19.24 -15.41
N TYR B 40 0.77 -19.06 -14.57
CA TYR B 40 1.00 -17.75 -13.97
C TYR B 40 1.30 -16.70 -15.03
N TYR B 41 2.18 -17.01 -15.97
CA TYR B 41 2.56 -16.05 -16.99
C TYR B 41 1.49 -15.89 -18.05
N LYS B 42 0.50 -16.76 -18.09
CA LYS B 42 -0.67 -16.48 -18.91
C LYS B 42 -1.59 -15.46 -18.26
N VAL B 43 -1.68 -15.46 -16.92
CA VAL B 43 -2.63 -14.59 -16.23
C VAL B 43 -2.01 -13.22 -15.91
N ILE B 44 -0.76 -13.20 -15.48
CA ILE B 44 -0.10 -11.98 -15.03
C ILE B 44 0.77 -11.48 -16.18
N VAL B 45 0.43 -10.30 -16.70
CA VAL B 45 1.09 -9.74 -17.88
C VAL B 45 2.49 -9.21 -17.54
N ASN B 46 2.70 -8.62 -16.34
CA ASN B 46 4.01 -8.09 -15.96
C ASN B 46 4.45 -8.61 -14.59
N PRO B 47 5.00 -9.83 -14.54
CA PRO B 47 5.44 -10.39 -13.25
C PRO B 47 6.47 -9.49 -12.59
N MET B 48 6.45 -9.51 -11.27
CA MET B 48 7.48 -8.84 -10.49
C MET B 48 7.76 -9.69 -9.26
N ASP B 49 9.01 -9.68 -8.83
CA ASP B 49 9.46 -10.39 -7.65
C ASP B 49 10.70 -9.70 -7.11
N LEU B 50 11.01 -10.00 -5.84
CA LEU B 50 12.11 -9.34 -5.14
C LEU B 50 13.45 -9.63 -5.77
N GLU B 51 13.61 -10.78 -6.43
CA GLU B 51 14.85 -11.04 -7.19
C GLU B 51 14.97 -10.10 -8.38
N THR B 52 13.92 -10.00 -9.19
CA THR B 52 13.93 -9.05 -10.30
C THR B 52 14.24 -7.64 -9.82
N ILE B 53 13.63 -7.23 -8.70
CA ILE B 53 13.86 -5.88 -8.21
C ILE B 53 15.33 -5.72 -7.83
N ARG B 54 15.90 -6.70 -7.14
CA ARG B 54 17.33 -6.62 -6.81
C ARG B 54 18.16 -6.54 -8.08
N LYS B 55 17.77 -7.25 -9.13
CA LYS B 55 18.48 -7.13 -10.41
C LYS B 55 18.36 -5.73 -10.97
N ASN B 56 17.16 -5.14 -10.89
CA ASN B 56 16.97 -3.79 -11.41
C ASN B 56 17.82 -2.81 -10.64
N ILE B 57 17.97 -3.03 -9.33
CA ILE B 57 18.79 -2.16 -8.49
C ILE B 57 20.26 -2.26 -8.89
N SER B 58 20.75 -3.46 -9.18
CA SER B 58 22.17 -3.57 -9.51
C SER B 58 22.51 -3.00 -10.89
N LYS B 59 21.51 -2.76 -11.75
CA LYS B 59 21.67 -1.97 -12.98
C LYS B 59 21.33 -0.50 -12.78
N HIS B 60 20.98 -0.10 -11.55
CA HIS B 60 20.64 1.29 -11.26
C HIS B 60 19.44 1.75 -12.09
N LYS B 61 18.43 0.89 -12.18
CA LYS B 61 17.18 1.35 -12.79
C LYS B 61 16.53 2.49 -11.99
N TYR B 62 16.70 2.52 -10.67
CA TYR B 62 15.95 3.47 -9.85
C TYR B 62 16.83 4.67 -9.51
N GLN B 63 16.36 5.88 -9.89
CA GLN B 63 17.00 7.15 -9.57
C GLN B 63 16.31 7.87 -8.42
N SER B 64 15.12 7.40 -8.06
CA SER B 64 14.25 8.03 -7.07
C SER B 64 13.54 6.89 -6.35
N ARG B 65 13.05 7.15 -5.15
CA ARG B 65 12.35 6.05 -4.50
C ARG B 65 11.04 5.69 -5.20
N GLU B 66 10.48 6.60 -6.01
CA GLU B 66 9.14 6.38 -6.55
C GLU B 66 9.12 5.21 -7.53
N SER B 67 10.05 5.17 -8.48
CA SER B 67 10.01 4.06 -9.42
C SER B 67 10.29 2.75 -8.70
N PHE B 68 11.09 2.77 -7.64
CA PHE B 68 11.33 1.54 -6.88
C PHE B 68 10.03 1.09 -6.20
N LEU B 69 9.39 1.99 -5.46
CA LEU B 69 8.10 1.69 -4.85
C LEU B 69 7.09 1.22 -5.90
N ASP B 70 7.12 1.79 -7.12
CA ASP B 70 6.22 1.31 -8.16
C ASP B 70 6.29 -0.20 -8.34
N ASP B 71 7.51 -0.73 -8.52
CA ASP B 71 7.70 -2.18 -8.76
C ASP B 71 7.33 -3.00 -7.55
N VAL B 72 7.69 -2.54 -6.36
CA VAL B 72 7.23 -3.21 -5.14
C VAL B 72 5.70 -3.27 -5.11
N ASN B 73 5.03 -2.15 -5.43
CA ASN B 73 3.57 -2.13 -5.47
C ASN B 73 3.01 -3.16 -6.47
N LEU B 74 3.68 -3.36 -7.61
CA LEU B 74 3.22 -4.33 -8.60
C LEU B 74 3.15 -5.75 -8.02
N ILE B 75 4.06 -6.10 -7.10
CA ILE B 75 4.00 -7.42 -6.50
C ILE B 75 2.67 -7.61 -5.79
N LEU B 76 2.24 -6.61 -5.04
CA LEU B 76 0.95 -6.76 -4.36
C LEU B 76 -0.20 -6.77 -5.37
N ALA B 77 -0.18 -5.86 -6.36
CA ALA B 77 -1.30 -5.81 -7.31
C ALA B 77 -1.43 -7.11 -8.09
N ASN B 78 -0.30 -7.69 -8.53
CA ASN B 78 -0.32 -8.98 -9.23
C ASN B 78 -0.92 -10.08 -8.35
N SER B 79 -0.61 -10.04 -7.05
CA SER B 79 -1.14 -11.06 -6.16
C SER B 79 -2.65 -10.94 -6.03
N VAL B 80 -3.16 -9.71 -5.89
CA VAL B 80 -4.60 -9.51 -5.85
C VAL B 80 -5.24 -10.08 -7.12
N LYS B 81 -4.62 -9.83 -8.27
CA LYS B 81 -5.16 -10.37 -9.52
C LYS B 81 -5.08 -11.89 -9.57
N TYR B 82 -3.90 -12.46 -9.31
CA TYR B 82 -3.75 -13.91 -9.50
C TYR B 82 -4.40 -14.70 -8.37
N ASN B 83 -4.27 -14.25 -7.12
CA ASN B 83 -4.74 -15.04 -5.99
C ASN B 83 -6.04 -14.54 -5.38
N GLY B 84 -6.45 -13.29 -5.65
CA GLY B 84 -7.61 -12.73 -4.98
C GLY B 84 -7.22 -11.99 -3.72
N PRO B 85 -8.12 -11.11 -3.24
CA PRO B 85 -7.75 -10.24 -2.11
C PRO B 85 -7.65 -10.96 -0.78
N GLU B 86 -8.35 -12.08 -0.61
CA GLU B 86 -8.36 -12.76 0.68
C GLU B 86 -7.19 -13.72 0.85
N SER B 87 -6.49 -14.05 -0.22
CA SER B 87 -5.43 -15.04 -0.15
C SER B 87 -4.33 -14.60 0.80
N GLN B 88 -3.71 -15.58 1.48
CA GLN B 88 -2.59 -15.26 2.37
C GLN B 88 -1.39 -14.74 1.58
N TYR B 89 -1.23 -15.16 0.32
CA TYR B 89 -0.20 -14.59 -0.53
C TYR B 89 -0.37 -13.08 -0.66
N THR B 90 -1.60 -12.62 -0.85
CA THR B 90 -1.83 -11.20 -0.99
C THR B 90 -1.54 -10.48 0.33
N LYS B 91 -1.92 -11.08 1.45
CA LYS B 91 -1.70 -10.36 2.69
C LYS B 91 -0.23 -10.26 3.00
N THR B 92 0.54 -11.31 2.71
CA THR B 92 2.00 -11.24 2.80
C THR B 92 2.56 -10.15 1.90
N ALA B 93 2.07 -10.06 0.64
CA ALA B 93 2.61 -9.06 -0.27
C ALA B 93 2.38 -7.64 0.25
N GLN B 94 1.18 -7.37 0.78
CA GLN B 94 0.93 -6.06 1.37
C GLN B 94 1.82 -5.81 2.60
N GLU B 95 2.16 -6.84 3.37
CA GLU B 95 3.14 -6.65 4.45
C GLU B 95 4.50 -6.24 3.90
N ILE B 96 4.92 -6.92 2.83
CA ILE B 96 6.14 -6.55 2.12
C ILE B 96 6.09 -5.10 1.66
N VAL B 97 5.02 -4.71 1.00
CA VAL B 97 4.85 -3.30 0.64
C VAL B 97 5.00 -2.41 1.87
N ASN B 98 4.26 -2.72 2.95
CA ASN B 98 4.31 -1.84 4.11
C ASN B 98 5.72 -1.72 4.67
N VAL B 99 6.47 -2.83 4.73
CA VAL B 99 7.83 -2.78 5.26
C VAL B 99 8.68 -1.84 4.41
N CYS B 100 8.48 -1.92 3.09
CA CYS B 100 9.25 -1.07 2.19
C CYS B 100 8.85 0.40 2.39
N TYR B 101 7.56 0.70 2.33
CA TYR B 101 7.07 2.06 2.48
C TYR B 101 7.49 2.67 3.82
N GLN B 102 7.41 1.88 4.89
CA GLN B 102 7.80 2.38 6.19
C GLN B 102 9.31 2.61 6.27
N THR B 103 10.09 1.74 5.64
CA THR B 103 11.52 1.96 5.67
C THR B 103 11.89 3.20 4.86
N LEU B 104 11.30 3.36 3.67
CA LEU B 104 11.55 4.59 2.92
C LEU B 104 11.12 5.83 3.70
N THR B 105 10.04 5.74 4.46
CA THR B 105 9.63 6.91 5.25
C THR B 105 10.69 7.28 6.27
N GLU B 106 11.27 6.28 6.93
CA GLU B 106 12.21 6.60 7.98
C GLU B 106 13.60 6.94 7.44
N TYR B 107 13.92 6.56 6.20
CA TYR B 107 15.14 7.00 5.55
C TYR B 107 14.97 8.32 4.82
N ASP B 108 13.87 9.04 5.07
CA ASP B 108 13.41 10.06 4.14
C ASP B 108 14.43 11.19 3.96
N GLU B 109 14.94 11.74 5.06
CA GLU B 109 15.80 12.91 4.90
C GLU B 109 17.09 12.58 4.16
N HIS B 110 17.69 11.41 4.41
CA HIS B 110 18.88 11.05 3.66
C HIS B 110 18.57 10.64 2.22
N LEU B 111 17.42 9.96 1.99
CA LEU B 111 17.10 9.56 0.62
C LEU B 111 16.84 10.77 -0.25
N THR B 112 16.15 11.78 0.31
CA THR B 112 15.97 13.06 -0.35
C THR B 112 17.31 13.67 -0.76
N GLN B 113 18.30 13.60 0.13
CA GLN B 113 19.60 14.20 -0.20
C GLN B 113 20.33 13.40 -1.27
N LEU B 114 20.24 12.07 -1.23
CA LEU B 114 20.86 11.26 -2.28
C LEU B 114 20.18 11.49 -3.63
N GLU B 115 18.84 11.51 -3.65
CA GLU B 115 18.12 11.72 -4.91
C GLU B 115 18.48 13.07 -5.51
N LYS B 116 18.47 14.12 -4.69
CA LYS B 116 18.92 15.43 -5.13
C LYS B 116 20.30 15.36 -5.77
N ASP B 117 21.23 14.61 -5.15
CA ASP B 117 22.60 14.58 -5.64
C ASP B 117 22.73 13.79 -6.92
N ILE B 118 21.84 12.81 -7.14
CA ILE B 118 21.82 12.11 -8.42
C ILE B 118 21.45 13.08 -9.55
N CYS B 119 20.40 13.88 -9.33
CA CYS B 119 20.00 14.90 -10.31
C CYS B 119 21.15 15.85 -10.60
N THR B 120 21.72 16.44 -9.55
CA THR B 120 22.79 17.41 -9.77
C THR B 120 23.95 16.79 -10.52
N ALA B 121 24.29 15.53 -10.23
CA ALA B 121 25.41 14.91 -10.92
C ALA B 121 25.10 14.67 -12.40
N LYS B 122 23.82 14.44 -12.73
CA LYS B 122 23.42 14.37 -14.14
C LYS B 122 23.61 15.73 -14.80
N GLU B 123 22.99 16.77 -14.23
CA GLU B 123 23.15 18.13 -14.74
C GLU B 123 24.61 18.51 -14.95
N ALA B 124 25.49 18.13 -14.02
CA ALA B 124 26.90 18.55 -14.07
C ALA B 124 27.67 17.86 -15.20
N ALA B 125 27.31 16.61 -15.51
CA ALA B 125 27.87 15.93 -16.67
C ALA B 125 27.30 16.52 -17.97
N LEU B 126 25.97 16.68 -18.02
CA LEU B 126 25.32 17.34 -19.15
C LEU B 126 26.04 18.60 -19.58
N GLU B 127 26.38 19.48 -18.64
CA GLU B 127 26.97 20.76 -18.98
C GLU B 127 28.50 20.78 -18.94
N GLU B 128 29.14 19.74 -18.37
CA GLU B 128 30.58 19.59 -18.56
C GLU B 128 30.93 19.30 -20.02
N ALA B 129 29.98 18.71 -20.76
CA ALA B 129 30.15 18.42 -22.18
C ALA B 129 30.54 19.67 -22.96
N GLU B 130 29.98 20.82 -22.58
CA GLU B 130 30.28 22.08 -23.25
C GLU B 130 30.82 23.13 -22.28
#